data_3ZQ3
#
_entry.id   3ZQ3
#
_cell.length_a   62.980
_cell.length_b   100.530
_cell.length_c   72.410
_cell.angle_alpha   90.00
_cell.angle_beta   110.61
_cell.angle_gamma   90.00
#
_symmetry.space_group_name_H-M   'P 1 21 1'
#
_entity_poly.entity_id   1
_entity_poly.type   'polypeptide(L)'
_entity_poly.pdbx_seq_one_letter_code
;MRGSHHHHHHTDPEEASFERGNLDVDKLNGDWFSIVVASDKREKIEENGSMRVFVQHIDVLENSLGFTFRIKENGVCTEF
SLVADKTAKDGEYFVEYDGENTFTILKTDYDNYVMFHLVNVNNGETFQLMELYGRTKDLSSDIKEKFAKLCVAHGITRDN
IIDLTKTDRCLQA
;
_entity_poly.pdbx_strand_id   A,B,C,D
#
# COMPACT_ATOMS: atom_id res chain seq x y z
N GLU A 14 1.82 18.60 8.26
CA GLU A 14 0.91 17.40 8.25
C GLU A 14 1.08 16.51 9.49
N GLU A 15 2.31 16.41 9.98
CA GLU A 15 2.65 15.61 11.16
C GLU A 15 2.25 16.39 12.44
N ALA A 16 1.14 16.01 13.05
CA ALA A 16 0.65 16.69 14.25
C ALA A 16 0.96 15.86 15.50
N SER A 17 1.99 16.30 16.23
CA SER A 17 2.45 15.60 17.43
C SER A 17 1.72 16.12 18.67
N PHE A 18 2.08 15.56 19.83
CA PHE A 18 1.74 16.13 21.15
C PHE A 18 2.85 17.08 21.60
N GLU A 19 4.06 16.85 21.08
CA GLU A 19 5.25 17.65 21.39
C GLU A 19 5.21 19.05 20.74
N ARG A 20 4.39 19.21 19.72
CA ARG A 20 4.08 20.54 19.17
C ARG A 20 2.85 21.16 19.85
N GLY A 21 1.96 20.34 20.42
CA GLY A 21 0.70 20.81 20.98
C GLY A 21 -0.25 21.37 19.94
N ASN A 22 -0.02 21.01 18.68
CA ASN A 22 -0.83 21.45 17.54
C ASN A 22 -1.88 20.41 17.16
N LEU A 23 -2.37 19.69 18.17
CA LEU A 23 -3.13 18.46 17.98
C LEU A 23 -4.63 18.68 17.98
N ASP A 24 -5.23 18.65 16.80
CA ASP A 24 -6.66 18.90 16.65
C ASP A 24 -7.39 17.58 16.81
N VAL A 25 -7.68 17.27 18.06
CA VAL A 25 -8.13 15.96 18.43
C VAL A 25 -9.47 15.60 17.76
N ASP A 26 -10.26 16.60 17.37
CA ASP A 26 -11.55 16.34 16.71
C ASP A 26 -11.42 15.57 15.38
N LYS A 27 -10.29 15.76 14.68
CA LYS A 27 -10.06 15.10 13.40
C LYS A 27 -9.66 13.63 13.51
N LEU A 28 -9.56 13.12 14.75
CA LEU A 28 -9.34 11.69 14.96
C LEU A 28 -10.64 10.92 14.92
N ASN A 29 -11.76 11.62 14.94
CA ASN A 29 -13.04 10.99 14.90
C ASN A 29 -13.15 9.99 13.75
N GLY A 30 -13.79 8.86 13.99
CA GLY A 30 -14.22 7.99 12.90
C GLY A 30 -13.70 6.56 12.97
N ASP A 31 -13.73 5.88 11.82
CA ASP A 31 -13.27 4.49 11.69
C ASP A 31 -11.73 4.38 11.65
N TRP A 32 -11.21 3.36 12.32
CA TRP A 32 -9.78 3.06 12.34
C TRP A 32 -9.55 1.56 12.39
N PHE A 33 -8.36 1.14 11.99
CA PHE A 33 -8.01 -0.26 12.02
C PHE A 33 -6.68 -0.43 12.71
N SER A 34 -6.54 -1.48 13.51
CA SER A 34 -5.29 -1.79 14.18
C SER A 34 -4.36 -2.40 13.17
N ILE A 35 -3.20 -1.76 12.93
CA ILE A 35 -2.25 -2.23 11.92
C ILE A 35 -1.03 -2.95 12.53
N VAL A 36 -0.37 -2.29 13.47
CA VAL A 36 0.77 -2.85 14.15
C VAL A 36 0.64 -2.58 15.62
N VAL A 37 1.05 -3.53 16.43
CA VAL A 37 1.07 -3.35 17.87
C VAL A 37 2.45 -3.81 18.37
N ALA A 38 2.92 -3.16 19.42
CA ALA A 38 4.26 -3.40 19.95
C ALA A 38 4.28 -3.23 21.47
N SER A 39 5.01 -4.10 22.16
CA SER A 39 5.06 -4.05 23.60
C SER A 39 6.34 -4.60 24.10
N ASP A 40 6.92 -3.96 25.10
CA ASP A 40 8.08 -4.54 25.75
C ASP A 40 7.70 -5.71 26.65
N LYS A 41 6.41 -6.05 26.74
CA LYS A 41 5.92 -7.26 27.42
C LYS A 41 5.07 -8.08 26.46
N ARG A 42 5.78 -8.88 25.66
CA ARG A 42 5.21 -9.53 24.48
C ARG A 42 3.96 -10.36 24.74
N GLU A 43 3.95 -11.05 25.87
CA GLU A 43 2.83 -11.91 26.25
C GLU A 43 1.46 -11.23 26.08
N LYS A 44 1.42 -9.94 26.34
CA LYS A 44 0.18 -9.16 26.32
C LYS A 44 -0.38 -8.89 24.93
N ILE A 45 0.41 -9.09 23.87
CA ILE A 45 -0.07 -8.83 22.52
C ILE A 45 -0.06 -10.06 21.64
N GLU A 46 0.14 -11.21 22.26
CA GLU A 46 0.06 -12.48 21.57
C GLU A 46 -1.35 -12.96 21.78
N GLU A 47 -1.67 -14.14 21.28
CA GLU A 47 -3.03 -14.62 21.33
C GLU A 47 -3.43 -14.72 22.79
N ASN A 48 -4.65 -14.31 23.07
CA ASN A 48 -5.18 -14.18 24.43
C ASN A 48 -4.50 -13.13 25.32
N GLY A 49 -3.56 -12.37 24.77
CA GLY A 49 -3.09 -11.21 25.47
C GLY A 49 -4.23 -10.21 25.55
N SER A 50 -4.29 -9.48 26.65
CA SER A 50 -5.37 -8.53 26.84
C SER A 50 -5.19 -7.25 26.03
N MET A 51 -3.99 -7.00 25.55
CA MET A 51 -3.76 -5.84 24.71
C MET A 51 -3.78 -6.17 23.22
N ARG A 52 -4.03 -7.42 22.84
CA ARG A 52 -4.23 -7.73 21.45
C ARG A 52 -5.68 -7.36 21.08
N VAL A 53 -5.88 -6.06 20.94
CA VAL A 53 -7.19 -5.51 20.65
C VAL A 53 -7.17 -4.92 19.27
N PHE A 54 -8.31 -4.98 18.61
CA PHE A 54 -8.44 -4.46 17.27
C PHE A 54 -9.41 -3.30 17.32
N VAL A 55 -8.91 -2.08 17.13
CA VAL A 55 -9.76 -0.90 17.15
C VAL A 55 -10.71 -0.91 15.97
N GLN A 56 -11.91 -0.37 16.20
CA GLN A 56 -12.95 -0.16 15.16
C GLN A 56 -13.22 1.32 14.96
N HIS A 57 -13.34 2.05 16.05
CA HIS A 57 -13.88 3.38 16.00
C HIS A 57 -13.28 4.25 17.09
N ILE A 58 -13.13 5.54 16.83
CA ILE A 58 -12.77 6.49 17.86
C ILE A 58 -13.79 7.59 17.90
N ASP A 59 -14.31 7.87 19.09
CA ASP A 59 -15.33 8.90 19.28
C ASP A 59 -14.77 10.01 20.12
N VAL A 60 -14.63 11.18 19.53
CA VAL A 60 -14.07 12.30 20.24
C VAL A 60 -15.17 12.96 21.03
N LEU A 61 -14.94 13.14 22.32
CA LEU A 61 -15.92 13.75 23.20
C LEU A 61 -15.33 15.03 23.81
N GLU A 62 -16.10 15.69 24.66
CA GLU A 62 -15.59 16.81 25.44
C GLU A 62 -14.57 16.27 26.45
N ASN A 63 -13.29 16.53 26.18
CA ASN A 63 -12.19 16.10 27.05
C ASN A 63 -12.07 14.60 27.33
N SER A 64 -12.47 13.78 26.36
CA SER A 64 -12.22 12.37 26.43
C SER A 64 -12.28 11.77 25.04
N LEU A 65 -11.66 10.61 24.87
CA LEU A 65 -11.74 9.79 23.65
C LEU A 65 -12.33 8.46 23.97
N GLY A 66 -13.28 8.02 23.15
CA GLY A 66 -13.95 6.77 23.35
C GLY A 66 -13.51 5.85 22.24
N PHE A 67 -13.01 4.68 22.62
CA PHE A 67 -12.56 3.70 21.67
C PHE A 67 -13.48 2.52 21.66
N THR A 68 -13.79 2.00 20.48
CA THR A 68 -14.47 0.72 20.36
C THR A 68 -13.45 -0.28 19.88
N PHE A 69 -13.31 -1.38 20.62
CA PHE A 69 -12.37 -2.41 20.28
C PHE A 69 -13.09 -3.73 20.04
N ARG A 70 -12.46 -4.62 19.27
CA ARG A 70 -12.72 -6.06 19.35
C ARG A 70 -11.52 -6.82 19.89
N ILE A 71 -11.79 -7.95 20.50
CA ILE A 71 -10.77 -8.79 21.05
C ILE A 71 -11.21 -10.21 20.89
N LYS A 72 -10.25 -11.12 20.81
CA LYS A 72 -10.56 -12.51 20.58
C LYS A 72 -10.06 -13.32 21.76
N GLU A 73 -10.98 -13.75 22.61
CA GLU A 73 -10.66 -14.61 23.73
C GLU A 73 -11.16 -16.02 23.42
N ASN A 74 -10.21 -16.94 23.38
CA ASN A 74 -10.49 -18.33 23.10
C ASN A 74 -11.38 -18.47 21.90
N GLY A 75 -10.87 -18.03 20.76
CA GLY A 75 -11.57 -18.20 19.49
C GLY A 75 -12.84 -17.38 19.25
N VAL A 76 -13.29 -16.57 20.21
CA VAL A 76 -14.49 -15.75 19.99
C VAL A 76 -14.19 -14.27 20.05
N CYS A 77 -14.62 -13.54 19.02
CA CYS A 77 -14.51 -12.10 19.00
C CYS A 77 -15.63 -11.50 19.86
N THR A 78 -15.26 -10.55 20.73
CA THR A 78 -16.22 -9.70 21.44
C THR A 78 -15.89 -8.27 21.14
N GLU A 79 -16.91 -7.41 21.16
CA GLU A 79 -16.72 -5.99 20.99
C GLU A 79 -16.98 -5.33 22.31
N PHE A 80 -16.15 -4.36 22.65
CA PHE A 80 -16.35 -3.61 23.88
C PHE A 80 -15.85 -2.19 23.67
N SER A 81 -16.20 -1.28 24.57
CA SER A 81 -15.84 0.11 24.44
C SER A 81 -15.15 0.62 25.68
N LEU A 82 -14.27 1.59 25.49
CA LEU A 82 -13.63 2.27 26.61
C LEU A 82 -13.71 3.74 26.35
N VAL A 83 -13.77 4.51 27.45
CA VAL A 83 -13.69 5.96 27.38
C VAL A 83 -12.50 6.41 28.21
N ALA A 84 -11.63 7.18 27.57
CA ALA A 84 -10.38 7.62 28.19
C ALA A 84 -10.52 9.08 28.46
N ASP A 85 -10.18 9.50 29.68
CA ASP A 85 -10.34 10.88 30.09
C ASP A 85 -9.05 11.63 29.95
N LYS A 86 -9.14 12.85 29.47
CA LYS A 86 -7.98 13.72 29.33
C LYS A 86 -7.49 14.08 30.72
N THR A 87 -6.22 13.81 31.02
CA THR A 87 -5.69 14.13 32.34
C THR A 87 -5.10 15.51 32.31
N ALA A 88 -4.72 16.01 33.47
CA ALA A 88 -4.11 17.34 33.59
C ALA A 88 -2.82 17.52 32.77
N LYS A 89 -2.05 16.45 32.61
CA LYS A 89 -0.75 16.53 31.89
C LYS A 89 -0.89 16.68 30.36
N ASP A 90 0.18 17.14 29.71
CA ASP A 90 0.13 17.50 28.28
C ASP A 90 -0.10 16.30 27.37
N GLY A 91 -1.25 16.28 26.70
CA GLY A 91 -1.61 15.20 25.78
C GLY A 91 -1.99 13.87 26.40
N GLU A 92 -1.78 13.70 27.70
CA GLU A 92 -2.04 12.44 28.36
C GLU A 92 -3.54 12.14 28.48
N TYR A 93 -3.84 10.85 28.41
CA TYR A 93 -5.16 10.33 28.68
C TYR A 93 -5.07 9.19 29.67
N PHE A 94 -6.12 9.00 30.46
CA PHE A 94 -6.17 7.89 31.37
C PHE A 94 -7.36 7.02 31.02
N VAL A 95 -7.15 5.71 31.05
CA VAL A 95 -8.28 4.78 30.95
C VAL A 95 -8.01 3.52 31.75
N GLU A 96 -9.06 2.94 32.32
CA GLU A 96 -8.94 1.74 33.16
C GLU A 96 -9.27 0.47 32.36
N TYR A 97 -8.28 -0.41 32.20
CA TYR A 97 -8.42 -1.62 31.41
C TYR A 97 -7.25 -2.52 31.68
N ASP A 98 -7.55 -3.69 32.24
CA ASP A 98 -6.52 -4.59 32.68
C ASP A 98 -5.45 -3.79 33.38
N GLY A 99 -5.85 -2.97 34.34
CA GLY A 99 -4.94 -2.11 35.09
C GLY A 99 -5.25 -0.65 34.86
N GLU A 100 -4.26 0.18 35.20
CA GLU A 100 -4.33 1.60 34.98
C GLU A 100 -3.47 1.95 33.76
N ASN A 101 -4.06 2.62 32.77
CA ASN A 101 -3.35 2.97 31.54
C ASN A 101 -3.27 4.46 31.35
N THR A 102 -2.08 4.92 30.99
CA THR A 102 -1.85 6.30 30.66
C THR A 102 -1.32 6.32 29.23
N PHE A 103 -1.86 7.17 28.37
CA PHE A 103 -1.38 7.18 27.02
C PHE A 103 -1.44 8.52 26.32
N THR A 104 -0.62 8.63 25.29
CA THR A 104 -0.50 9.86 24.55
C THR A 104 -0.49 9.50 23.07
N ILE A 105 -0.75 10.50 22.25
CA ILE A 105 -0.72 10.33 20.82
C ILE A 105 0.63 10.75 20.32
N LEU A 106 1.49 9.82 19.92
CA LEU A 106 2.84 10.18 19.50
C LEU A 106 2.82 11.06 18.28
N LYS A 107 1.99 10.71 17.31
CA LYS A 107 2.12 11.28 15.97
C LYS A 107 0.90 10.87 15.15
N THR A 108 0.43 11.76 14.28
CA THR A 108 -0.69 11.44 13.39
C THR A 108 -0.76 12.43 12.25
N ASP A 109 -1.33 12.01 11.12
CA ASP A 109 -1.69 12.94 10.09
C ASP A 109 -3.20 12.97 9.89
N TYR A 110 -3.93 12.47 10.86
CA TYR A 110 -5.40 12.56 10.92
C TYR A 110 -6.12 11.66 9.93
N ASP A 111 -5.78 11.73 8.66
CA ASP A 111 -6.56 10.99 7.68
C ASP A 111 -5.82 9.83 7.08
N ASN A 112 -4.73 9.39 7.70
CA ASN A 112 -4.12 8.10 7.34
C ASN A 112 -3.75 7.26 8.53
N TYR A 113 -3.01 7.85 9.47
CA TYR A 113 -2.42 7.06 10.54
C TYR A 113 -2.44 7.81 11.85
N VAL A 114 -2.42 7.06 12.94
CA VAL A 114 -2.20 7.61 14.25
C VAL A 114 -1.37 6.59 15.05
N MET A 115 -0.38 7.07 15.82
CA MET A 115 0.46 6.21 16.62
C MET A 115 0.25 6.60 18.06
N PHE A 116 -0.01 5.61 18.91
CA PHE A 116 -0.19 5.83 20.34
C PHE A 116 0.93 5.23 21.16
N HIS A 117 1.23 5.86 22.28
CA HIS A 117 2.16 5.34 23.26
C HIS A 117 1.43 5.22 24.58
N LEU A 118 1.50 4.04 25.17
CA LEU A 118 0.68 3.71 26.31
C LEU A 118 1.48 2.97 27.34
N VAL A 119 1.29 3.33 28.60
CA VAL A 119 1.95 2.65 29.70
C VAL A 119 0.89 2.04 30.58
N ASN A 120 1.06 0.76 30.91
CA ASN A 120 0.10 0.06 31.77
C ASN A 120 0.71 -0.27 33.11
N VAL A 121 0.03 0.10 34.19
CA VAL A 121 0.46 -0.29 35.51
C VAL A 121 -0.52 -1.28 36.09
N ASN A 122 -0.04 -2.38 36.62
CA ASN A 122 -0.89 -3.40 37.16
C ASN A 122 -0.08 -4.30 38.08
N ASN A 123 -0.53 -4.44 39.34
CA ASN A 123 0.16 -5.25 40.37
C ASN A 123 1.59 -4.85 40.56
N GLY A 124 1.86 -3.55 40.49
CA GLY A 124 3.22 -3.09 40.55
C GLY A 124 4.10 -3.27 39.33
N GLU A 125 3.75 -4.22 38.45
CA GLU A 125 4.41 -4.33 37.16
C GLU A 125 3.98 -3.25 36.19
N THR A 126 4.88 -2.90 35.27
CA THR A 126 4.64 -1.89 34.25
C THR A 126 5.16 -2.35 32.90
N PHE A 127 4.44 -1.99 31.84
CA PHE A 127 4.97 -2.18 30.49
C PHE A 127 4.53 -1.09 29.55
N GLN A 128 5.24 -1.01 28.42
CA GLN A 128 4.90 -0.09 27.36
C GLN A 128 4.17 -0.81 26.26
N LEU A 129 3.25 -0.08 25.63
CA LEU A 129 2.50 -0.58 24.51
C LEU A 129 2.49 0.54 23.51
N MET A 130 2.77 0.24 22.25
CA MET A 130 2.62 1.20 21.19
C MET A 130 1.74 0.61 20.08
N GLU A 131 0.84 1.43 19.53
CA GLU A 131 -0.13 0.97 18.54
C GLU A 131 -0.07 1.86 17.33
N LEU A 132 -0.22 1.27 16.15
CA LEU A 132 -0.32 2.02 14.89
C LEU A 132 -1.68 1.74 14.28
N TYR A 133 -2.50 2.78 14.17
CA TYR A 133 -3.83 2.63 13.58
C TYR A 133 -3.87 3.28 12.21
N GLY A 134 -4.65 2.73 11.31
CA GLY A 134 -4.84 3.30 9.99
C GLY A 134 -6.30 3.58 9.71
N ARG A 135 -6.57 4.43 8.73
CA ARG A 135 -7.96 4.67 8.31
C ARG A 135 -8.36 3.66 7.26
N THR A 136 -7.42 2.81 6.87
CA THR A 136 -7.63 1.69 5.95
C THR A 136 -7.12 0.41 6.63
N LYS A 137 -7.59 -0.76 6.19
CA LYS A 137 -7.11 -2.03 6.73
C LYS A 137 -5.59 -2.17 6.74
N ASP A 138 -4.92 -1.48 5.84
CA ASP A 138 -3.47 -1.56 5.76
C ASP A 138 -2.85 -0.20 5.57
N LEU A 139 -1.57 -0.11 5.90
CA LEU A 139 -0.81 1.06 5.57
C LEU A 139 0.43 0.66 4.81
N SER A 140 1.10 1.65 4.24
CA SER A 140 2.28 1.44 3.46
C SER A 140 3.44 0.99 4.35
N SER A 141 4.46 0.43 3.71
CA SER A 141 5.70 0.06 4.38
C SER A 141 6.40 1.22 5.05
N ASP A 142 6.37 2.36 4.38
CA ASP A 142 7.01 3.54 4.86
C ASP A 142 6.57 3.88 6.28
N ILE A 143 5.25 3.89 6.48
CA ILE A 143 4.67 4.30 7.75
C ILE A 143 4.93 3.23 8.81
N LYS A 144 4.83 1.94 8.41
CA LYS A 144 5.15 0.83 9.33
C LYS A 144 6.58 0.88 9.80
N GLU A 145 7.49 1.27 8.90
CA GLU A 145 8.88 1.36 9.27
C GLU A 145 9.17 2.60 10.15
N LYS A 146 8.51 3.72 9.87
CA LYS A 146 8.61 4.87 10.76
C LYS A 146 8.13 4.49 12.13
N PHE A 147 7.06 3.70 12.19
CA PHE A 147 6.50 3.29 13.47
C PHE A 147 7.49 2.40 14.19
N ALA A 148 8.14 1.51 13.45
CA ALA A 148 9.13 0.60 14.06
C ALA A 148 10.31 1.38 14.64
N LYS A 149 10.76 2.41 13.94
CA LYS A 149 11.79 3.28 14.49
C LYS A 149 11.39 3.87 15.83
N LEU A 150 10.16 4.37 15.97
CA LEU A 150 9.75 4.88 17.25
C LEU A 150 9.70 3.80 18.29
N CYS A 151 9.26 2.61 17.92
CA CYS A 151 9.19 1.55 18.91
C CYS A 151 10.60 1.31 19.46
N VAL A 152 11.57 1.22 18.55
CA VAL A 152 12.96 0.96 18.95
C VAL A 152 13.50 2.12 19.79
N ALA A 153 13.18 3.35 19.39
CA ALA A 153 13.52 4.53 20.18
C ALA A 153 12.95 4.49 21.60
N HIS A 154 11.78 3.87 21.80
CA HIS A 154 11.24 3.68 23.15
C HIS A 154 11.66 2.36 23.78
N GLY A 155 12.70 1.74 23.25
CA GLY A 155 13.18 0.48 23.80
C GLY A 155 12.33 -0.77 23.59
N ILE A 156 11.47 -0.76 22.58
CA ILE A 156 10.79 -1.98 22.20
C ILE A 156 11.47 -2.47 20.94
N THR A 157 12.13 -3.62 21.05
CA THR A 157 12.89 -4.17 19.94
C THR A 157 11.95 -4.83 18.94
N ARG A 158 12.49 -5.16 17.77
CA ARG A 158 11.68 -5.56 16.65
C ARG A 158 10.98 -6.90 16.80
N ASP A 159 11.52 -7.76 17.64
CA ASP A 159 10.91 -9.04 17.88
C ASP A 159 9.64 -8.90 18.70
N ASN A 160 9.47 -7.75 19.35
CA ASN A 160 8.24 -7.42 20.06
C ASN A 160 7.29 -6.49 19.29
N ILE A 161 7.52 -6.33 17.98
CA ILE A 161 6.59 -5.62 17.10
C ILE A 161 5.80 -6.63 16.28
N ILE A 162 4.49 -6.49 16.22
CA ILE A 162 3.65 -7.48 15.56
C ILE A 162 2.72 -6.80 14.55
N ASP A 163 2.88 -7.16 13.30
CA ASP A 163 2.01 -6.68 12.24
C ASP A 163 0.74 -7.52 12.30
N LEU A 164 -0.37 -6.86 12.62
CA LEU A 164 -1.63 -7.53 12.73
C LEU A 164 -2.33 -7.70 11.37
N THR A 165 -1.83 -7.06 10.31
CA THR A 165 -2.55 -7.06 9.06
C THR A 165 -2.50 -8.42 8.50
N LYS A 166 -1.64 -9.26 9.07
CA LYS A 166 -1.41 -10.62 8.56
C LYS A 166 -2.13 -11.70 9.38
N THR A 167 -3.11 -11.29 10.20
CA THR A 167 -3.75 -12.18 11.15
C THR A 167 -5.22 -11.82 11.31
N ASP A 168 -5.98 -12.70 11.96
CA ASP A 168 -7.36 -12.43 12.24
C ASP A 168 -7.45 -11.22 13.16
N ARG A 169 -8.13 -10.17 12.68
CA ARG A 169 -8.41 -8.96 13.46
C ARG A 169 -9.90 -8.78 13.72
N CYS A 170 -10.66 -9.86 13.59
CA CYS A 170 -12.11 -9.82 13.78
C CYS A 170 -12.84 -8.89 12.84
N LEU A 171 -12.40 -8.83 11.59
CA LEU A 171 -13.08 -7.99 10.60
C LEU A 171 -14.43 -8.59 10.24
N GLN A 172 -14.53 -9.92 10.20
CA GLN A 172 -15.72 -10.57 9.57
C GLN A 172 -16.95 -10.70 10.47
N GLU B 14 27.67 -8.15 20.81
CA GLU B 14 26.52 -7.94 19.88
C GLU B 14 26.36 -9.09 18.88
N GLU B 15 27.48 -9.65 18.44
CA GLU B 15 27.51 -10.76 17.47
C GLU B 15 27.17 -12.09 18.16
N ALA B 16 25.94 -12.58 17.99
CA ALA B 16 25.51 -13.82 18.63
C ALA B 16 25.54 -14.97 17.64
N SER B 17 26.55 -15.81 17.75
CA SER B 17 26.74 -16.94 16.85
C SER B 17 26.04 -18.21 17.39
N PHE B 18 26.17 -19.30 16.63
CA PHE B 18 25.85 -20.65 17.10
C PHE B 18 27.10 -21.30 17.73
N GLU B 19 28.26 -20.82 17.28
CA GLU B 19 29.57 -21.28 17.77
C GLU B 19 29.88 -20.83 19.19
N ARG B 20 29.21 -19.77 19.66
CA ARG B 20 29.25 -19.38 21.07
C ARG B 20 28.13 -20.06 21.88
N GLY B 21 27.06 -20.47 21.21
CA GLY B 21 25.88 -21.01 21.89
C GLY B 21 25.18 -19.97 22.77
N ASN B 22 25.44 -18.69 22.51
CA ASN B 22 24.82 -17.55 23.24
C ASN B 22 23.60 -16.98 22.48
N LEU B 23 22.89 -17.87 21.78
CA LEU B 23 21.90 -17.50 20.80
C LEU B 23 20.50 -17.47 21.37
N ASP B 24 19.99 -16.27 21.60
CA ASP B 24 18.65 -16.08 22.13
C ASP B 24 17.67 -16.05 20.98
N VAL B 25 17.22 -17.22 20.60
CA VAL B 25 16.47 -17.39 19.39
C VAL B 25 15.15 -16.60 19.41
N ASP B 26 14.61 -16.30 20.60
CA ASP B 26 13.36 -15.56 20.71
C ASP B 26 13.45 -14.16 20.08
N LYS B 27 14.64 -13.57 20.11
CA LYS B 27 14.86 -12.23 19.53
C LYS B 27 14.94 -12.20 18.00
N LEU B 28 14.80 -13.35 17.36
CA LEU B 28 14.68 -13.38 15.92
C LEU B 28 13.25 -13.18 15.43
N ASN B 29 12.31 -13.25 16.37
CA ASN B 29 10.91 -13.04 16.04
C ASN B 29 10.70 -11.76 15.24
N GLY B 30 9.81 -11.83 14.26
CA GLY B 30 9.31 -10.64 13.62
C GLY B 30 9.59 -10.56 12.14
N ASP B 31 9.50 -9.33 11.62
CA ASP B 31 9.61 -9.06 10.17
C ASP B 31 11.07 -9.07 9.75
N TRP B 32 11.31 -9.58 8.55
CA TRP B 32 12.63 -9.61 7.95
C TRP B 32 12.52 -9.48 6.45
N PHE B 33 13.61 -9.09 5.82
CA PHE B 33 13.66 -8.95 4.37
C PHE B 33 14.88 -9.66 3.84
N SER B 34 14.71 -10.30 2.69
CA SER B 34 15.80 -11.01 2.04
C SER B 34 16.65 -9.98 1.36
N ILE B 35 17.94 -9.90 1.72
CA ILE B 35 18.86 -8.92 1.16
C ILE B 35 19.83 -9.51 0.15
N VAL B 36 20.55 -10.55 0.56
CA VAL B 36 21.49 -11.23 -0.31
C VAL B 36 21.27 -12.71 -0.19
N VAL B 37 21.42 -13.41 -1.30
CA VAL B 37 21.34 -14.85 -1.33
C VAL B 37 22.51 -15.39 -2.14
N ALA B 38 23.00 -16.56 -1.75
CA ALA B 38 24.20 -17.12 -2.33
C ALA B 38 24.10 -18.64 -2.37
N SER B 39 24.58 -19.23 -3.45
CA SER B 39 24.54 -20.66 -3.56
C SER B 39 25.66 -21.16 -4.44
N ASP B 40 26.26 -22.29 -4.06
CA ASP B 40 27.22 -22.90 -4.96
C ASP B 40 26.53 -23.61 -6.14
N LYS B 41 25.20 -23.58 -6.21
CA LYS B 41 24.43 -24.08 -7.36
C LYS B 41 23.52 -22.96 -7.82
N ARG B 42 24.08 -22.11 -8.66
CA ARG B 42 23.51 -20.81 -9.01
C ARG B 42 22.09 -20.87 -9.59
N GLU B 43 21.85 -21.89 -10.40
CA GLU B 43 20.53 -22.11 -11.00
C GLU B 43 19.34 -21.96 -10.00
N LYS B 44 19.55 -22.40 -8.77
CA LYS B 44 18.52 -22.41 -7.75
C LYS B 44 18.16 -21.05 -7.22
N ILE B 45 18.98 -20.01 -7.46
CA ILE B 45 18.69 -18.68 -6.94
C ILE B 45 18.52 -17.63 -8.03
N GLU B 46 18.42 -18.08 -9.26
CA GLU B 46 18.15 -17.21 -10.38
C GLU B 46 16.65 -17.24 -10.56
N GLU B 47 16.15 -16.57 -11.59
CA GLU B 47 14.72 -16.44 -11.77
C GLU B 47 14.15 -17.81 -11.96
N ASN B 48 13.00 -18.05 -11.32
CA ASN B 48 12.40 -19.40 -11.23
C ASN B 48 13.22 -20.49 -10.52
N GLY B 49 14.35 -20.14 -9.91
CA GLY B 49 14.98 -21.04 -8.94
C GLY B 49 14.08 -21.23 -7.74
N SER B 50 14.05 -22.42 -7.17
CA SER B 50 13.21 -22.70 -6.03
C SER B 50 13.73 -22.09 -4.73
N MET B 51 15.00 -21.72 -4.69
CA MET B 51 15.56 -21.05 -3.52
C MET B 51 15.61 -19.54 -3.65
N ARG B 52 15.11 -18.97 -4.76
CA ARG B 52 14.94 -17.53 -4.84
C ARG B 52 13.65 -17.16 -4.11
N VAL B 53 13.75 -17.19 -2.78
CA VAL B 53 12.62 -16.89 -1.90
C VAL B 53 12.89 -15.60 -1.13
N PHE B 54 11.82 -14.86 -0.87
CA PHE B 54 11.92 -13.60 -0.18
C PHE B 54 11.20 -13.73 1.14
N VAL B 55 11.97 -13.73 2.22
CA VAL B 55 11.39 -13.87 3.55
C VAL B 55 10.51 -12.67 3.89
N GLN B 56 9.46 -12.92 4.65
CA GLN B 56 8.58 -11.89 5.21
C GLN B 56 8.66 -11.87 6.73
N HIS B 57 8.62 -13.05 7.34
CA HIS B 57 8.41 -13.13 8.75
C HIS B 57 9.09 -14.33 9.31
N ILE B 58 9.52 -14.26 10.56
CA ILE B 58 9.96 -15.41 11.29
C ILE B 58 9.16 -15.52 12.58
N ASP B 59 8.61 -16.71 12.83
CA ASP B 59 7.83 -16.98 14.03
C ASP B 59 8.55 -17.97 14.90
N VAL B 60 9.01 -17.53 16.06
CA VAL B 60 9.73 -18.41 16.96
C VAL B 60 8.72 -19.21 17.75
N LEU B 61 8.88 -20.53 17.72
CA LEU B 61 7.97 -21.42 18.39
C LEU B 61 8.74 -22.24 19.42
N GLU B 62 8.05 -23.12 20.11
CA GLU B 62 8.72 -24.07 20.99
C GLU B 62 9.55 -25.03 20.12
N ASN B 63 10.86 -24.81 20.12
CA ASN B 63 11.81 -25.67 19.37
C ASN B 63 11.58 -25.80 17.88
N SER B 64 11.07 -24.74 17.29
CA SER B 64 11.01 -24.63 15.85
C SER B 64 10.93 -23.17 15.46
N LEU B 65 11.32 -22.89 14.22
CA LEU B 65 11.16 -21.57 13.61
C LEU B 65 10.24 -21.70 12.41
N GLY B 66 9.28 -20.79 12.30
CA GLY B 66 8.35 -20.77 11.19
C GLY B 66 8.64 -19.59 10.32
N PHE B 67 8.86 -19.84 9.04
CA PHE B 67 9.22 -18.80 8.11
C PHE B 67 8.05 -18.59 7.18
N THR B 68 7.76 -17.33 6.85
CA THR B 68 6.82 -17.02 5.79
C THR B 68 7.61 -16.45 4.64
N PHE B 69 7.45 -17.04 3.47
CA PHE B 69 8.20 -16.65 2.31
C PHE B 69 7.26 -16.20 1.23
N ARG B 70 7.76 -15.38 0.31
CA ARG B 70 7.19 -15.24 -1.03
C ARG B 70 8.16 -15.70 -2.10
N ILE B 71 7.62 -16.13 -3.21
CA ILE B 71 8.40 -16.63 -4.34
C ILE B 71 7.66 -16.25 -5.61
N LYS B 72 8.40 -16.08 -6.69
CA LYS B 72 7.82 -15.60 -7.92
C LYS B 72 8.05 -16.62 -9.00
N GLU B 73 6.98 -17.34 -9.34
CA GLU B 73 7.02 -18.34 -10.37
C GLU B 73 6.28 -17.79 -11.55
N ASN B 74 7.02 -17.65 -12.65
CA ASN B 74 6.47 -17.15 -13.90
C ASN B 74 5.65 -15.90 -13.65
N GLY B 75 6.33 -14.87 -13.19
CA GLY B 75 5.74 -13.55 -13.02
C GLY B 75 4.73 -13.35 -11.90
N VAL B 76 4.38 -14.40 -11.14
CA VAL B 76 3.39 -14.25 -10.06
C VAL B 76 4.00 -14.57 -8.73
N CYS B 77 3.84 -13.66 -7.77
CA CYS B 77 4.23 -13.90 -6.39
C CYS B 77 3.21 -14.79 -5.67
N THR B 78 3.67 -15.80 -4.94
CA THR B 78 2.83 -16.56 -4.03
C THR B 78 3.49 -16.55 -2.68
N GLU B 79 2.68 -16.66 -1.63
CA GLU B 79 3.17 -16.69 -0.29
C GLU B 79 2.95 -18.08 0.25
N PHE B 80 3.91 -18.60 0.97
CA PHE B 80 3.79 -19.88 1.60
C PHE B 80 4.59 -19.88 2.90
N SER B 81 4.37 -20.90 3.72
CA SER B 81 5.02 -20.96 5.02
C SER B 81 5.71 -22.28 5.22
N LEU B 82 6.80 -22.26 5.98
CA LEU B 82 7.49 -23.45 6.34
C LEU B 82 7.72 -23.39 7.83
N VAL B 83 7.76 -24.55 8.46
CA VAL B 83 8.16 -24.66 9.83
C VAL B 83 9.36 -25.59 9.89
N ALA B 84 10.41 -25.13 10.54
CA ALA B 84 11.66 -25.85 10.64
C ALA B 84 11.79 -26.30 12.05
N ASP B 85 12.11 -27.55 12.24
CA ASP B 85 12.24 -28.11 13.57
C ASP B 85 13.68 -28.06 14.01
N LYS B 86 13.88 -27.74 15.29
CA LYS B 86 15.20 -27.82 15.89
C LYS B 86 15.62 -29.28 15.98
N THR B 87 16.77 -29.62 15.40
CA THR B 87 17.25 -31.00 15.47
C THR B 87 18.12 -31.19 16.69
N ALA B 88 18.49 -32.43 16.97
CA ALA B 88 19.32 -32.74 18.12
C ALA B 88 20.69 -32.05 18.10
N LYS B 89 21.25 -31.83 16.91
CA LYS B 89 22.60 -31.22 16.77
C LYS B 89 22.67 -29.72 17.10
N ASP B 90 23.87 -29.22 17.37
CA ASP B 90 24.02 -27.84 17.89
C ASP B 90 23.62 -26.78 16.87
N GLY B 91 22.55 -26.05 17.19
CA GLY B 91 22.04 -24.96 16.34
C GLY B 91 21.32 -25.38 15.07
N GLU B 92 21.36 -26.65 14.73
CA GLU B 92 20.77 -27.13 13.47
C GLU B 92 19.24 -27.15 13.47
N TYR B 93 18.68 -26.88 12.31
CA TYR B 93 17.29 -26.96 12.09
C TYR B 93 17.05 -27.78 10.85
N PHE B 94 15.90 -28.46 10.79
CA PHE B 94 15.54 -29.22 9.62
C PHE B 94 14.21 -28.74 9.06
N VAL B 95 14.13 -28.64 7.74
CA VAL B 95 12.88 -28.34 7.10
C VAL B 95 12.83 -28.97 5.72
N GLU B 96 11.64 -29.40 5.30
CA GLU B 96 11.48 -30.11 4.02
C GLU B 96 10.95 -29.15 2.96
N TYR B 97 11.74 -28.94 1.92
CA TYR B 97 11.39 -28.00 0.87
C TYR B 97 12.31 -28.24 -0.30
N ASP B 98 11.73 -28.63 -1.43
CA ASP B 98 12.52 -29.01 -2.61
C ASP B 98 13.68 -29.89 -2.17
N GLY B 99 13.39 -30.90 -1.35
CA GLY B 99 14.40 -31.77 -0.76
C GLY B 99 14.46 -31.69 0.75
N GLU B 100 15.54 -32.18 1.33
CA GLU B 100 15.77 -32.15 2.75
C GLU B 100 16.78 -31.06 3.04
N ASN B 101 16.42 -30.12 3.91
CA ASN B 101 17.27 -28.98 4.22
C ASN B 101 17.66 -28.93 5.67
N THR B 102 18.93 -28.69 5.91
CA THR B 102 19.48 -28.56 7.26
C THR B 102 20.13 -27.23 7.31
N PHE B 103 19.84 -26.44 8.34
CA PHE B 103 20.41 -25.14 8.38
C PHE B 103 20.72 -24.65 9.77
N THR B 104 21.66 -23.71 9.83
CA THR B 104 22.06 -23.11 11.07
C THR B 104 22.08 -21.59 10.91
N ILE B 105 22.09 -20.90 12.04
CA ILE B 105 22.22 -19.49 12.03
C ILE B 105 23.68 -19.16 12.19
N LEU B 106 24.33 -18.68 11.14
CA LEU B 106 25.75 -18.37 11.26
C LEU B 106 26.04 -17.27 12.27
N LYS B 107 25.25 -16.19 12.23
CA LYS B 107 25.61 -14.96 12.90
C LYS B 107 24.42 -13.99 12.85
N THR B 108 24.23 -13.22 13.92
CA THR B 108 23.15 -12.23 13.95
C THR B 108 23.38 -11.24 15.05
N ASP B 109 22.84 -10.03 14.90
CA ASP B 109 22.78 -9.08 16.02
C ASP B 109 21.33 -8.81 16.42
N TYR B 110 20.42 -9.66 15.96
CA TYR B 110 19.03 -9.65 16.35
C TYR B 110 18.23 -8.54 15.73
N ASP B 111 18.67 -7.31 15.89
CA ASP B 111 17.85 -6.20 15.45
C ASP B 111 18.38 -5.44 14.23
N ASN B 112 19.31 -6.04 13.49
CA ASN B 112 19.66 -5.56 12.15
C ASN B 112 19.77 -6.65 11.09
N TYR B 113 20.52 -7.73 11.38
CA TYR B 113 20.82 -8.75 10.38
C TYR B 113 20.81 -10.14 10.98
N VAL B 114 20.60 -11.13 10.11
CA VAL B 114 20.82 -12.52 10.46
C VAL B 114 21.33 -13.21 9.22
N MET B 115 22.32 -14.08 9.37
CA MET B 115 22.87 -14.83 8.27
C MET B 115 22.60 -16.28 8.52
N PHE B 116 22.09 -16.98 7.50
CA PHE B 116 21.81 -18.43 7.59
C PHE B 116 22.73 -19.22 6.68
N HIS B 117 23.06 -20.42 7.13
CA HIS B 117 23.76 -21.40 6.27
C HIS B 117 22.91 -22.63 6.15
N LEU B 118 22.65 -23.07 4.91
CA LEU B 118 21.70 -24.12 4.64
C LEU B 118 22.27 -25.10 3.63
N VAL B 119 22.09 -26.39 3.90
CA VAL B 119 22.49 -27.44 2.97
C VAL B 119 21.26 -28.19 2.49
N ASN B 120 21.12 -28.36 1.18
CA ASN B 120 19.97 -29.06 0.60
C ASN B 120 20.39 -30.38 -0.02
N VAL B 121 19.76 -31.47 0.40
CA VAL B 121 20.00 -32.76 -0.19
C VAL B 121 18.78 -33.19 -0.97
N ASN B 122 19.00 -33.63 -2.20
CA ASN B 122 17.89 -34.00 -3.05
C ASN B 122 18.42 -34.87 -4.18
N ASN B 123 17.91 -36.10 -4.29
CA ASN B 123 18.35 -37.08 -5.30
C ASN B 123 19.83 -37.34 -5.28
N GLY B 124 20.40 -37.41 -4.08
CA GLY B 124 21.84 -37.58 -3.97
C GLY B 124 22.71 -36.36 -4.31
N GLU B 125 22.19 -35.40 -5.06
CA GLU B 125 22.83 -34.10 -5.20
C GLU B 125 22.71 -33.25 -3.92
N THR B 126 23.71 -32.39 -3.72
CA THR B 126 23.78 -31.49 -2.57
C THR B 126 24.29 -30.12 -2.97
N PHE B 127 23.76 -29.08 -2.36
CA PHE B 127 24.32 -27.78 -2.52
C PHE B 127 24.22 -26.96 -1.24
N GLN B 128 24.98 -25.87 -1.21
CA GLN B 128 24.91 -24.91 -0.13
C GLN B 128 24.13 -23.69 -0.54
N LEU B 129 23.46 -23.11 0.44
CA LEU B 129 22.75 -21.88 0.25
C LEU B 129 23.05 -21.05 1.48
N MET B 130 23.35 -19.79 1.27
CA MET B 130 23.50 -18.85 2.36
C MET B 130 22.64 -17.61 2.13
N GLU B 131 22.00 -17.11 3.19
CA GLU B 131 21.02 -16.00 3.07
C GLU B 131 21.36 -14.94 4.06
N LEU B 132 21.21 -13.68 3.66
CA LEU B 132 21.38 -12.53 4.56
C LEU B 132 20.08 -11.82 4.66
N TYR B 133 19.50 -11.81 5.86
CA TYR B 133 18.22 -11.13 6.07
C TYR B 133 18.46 -9.84 6.83
N GLY B 134 17.66 -8.82 6.56
CA GLY B 134 17.72 -7.59 7.34
C GLY B 134 16.38 -7.27 7.96
N ARG B 135 16.37 -6.38 8.95
CA ARG B 135 15.11 -5.92 9.54
C ARG B 135 14.57 -4.75 8.76
N THR B 136 15.34 -4.30 7.78
CA THR B 136 14.95 -3.23 6.85
C THR B 136 15.12 -3.74 5.43
N LYS B 137 14.48 -3.13 4.46
CA LYS B 137 14.66 -3.53 3.05
C LYS B 137 16.11 -3.60 2.59
N ASP B 138 17.00 -2.81 3.19
CA ASP B 138 18.40 -2.81 2.80
C ASP B 138 19.30 -2.79 3.99
N LEU B 139 20.55 -3.21 3.77
CA LEU B 139 21.57 -3.11 4.78
C LEU B 139 22.78 -2.41 4.19
N SER B 140 23.69 -2.04 5.06
CA SER B 140 24.89 -1.32 4.68
C SER B 140 25.83 -2.22 3.92
N SER B 141 26.77 -1.62 3.22
CA SER B 141 27.85 -2.31 2.52
C SER B 141 28.70 -3.17 3.46
N ASP B 142 28.97 -2.63 4.64
CA ASP B 142 29.78 -3.30 5.63
C ASP B 142 29.28 -4.69 5.91
N ILE B 143 27.98 -4.81 6.16
CA ILE B 143 27.36 -6.09 6.50
C ILE B 143 27.30 -7.03 5.28
N LYS B 144 26.98 -6.47 4.11
CA LYS B 144 26.99 -7.24 2.89
C LYS B 144 28.37 -7.83 2.62
N GLU B 145 29.41 -7.06 2.92
CA GLU B 145 30.78 -7.51 2.67
C GLU B 145 31.17 -8.59 3.70
N LYS B 146 30.75 -8.42 4.95
CA LYS B 146 30.99 -9.45 5.96
C LYS B 146 30.32 -10.71 5.56
N PHE B 147 29.14 -10.59 4.97
CA PHE B 147 28.42 -11.74 4.51
C PHE B 147 29.15 -12.41 3.35
N ALA B 148 29.67 -11.60 2.43
CA ALA B 148 30.38 -12.14 1.28
C ALA B 148 31.60 -12.93 1.74
N LYS B 149 32.30 -12.43 2.76
CA LYS B 149 33.44 -13.16 3.31
C LYS B 149 33.05 -14.54 3.77
N LEU B 150 31.95 -14.65 4.49
CA LEU B 150 31.51 -15.97 4.92
C LEU B 150 31.08 -16.87 3.77
N CYS B 151 30.43 -16.31 2.76
CA CYS B 151 30.13 -17.11 1.60
C CYS B 151 31.41 -17.71 1.03
N VAL B 152 32.43 -16.87 0.82
CA VAL B 152 33.66 -17.31 0.19
C VAL B 152 34.31 -18.36 1.10
N ALA B 153 34.29 -18.11 2.40
CA ALA B 153 34.80 -19.07 3.38
C ALA B 153 34.12 -20.43 3.27
N HIS B 154 32.86 -20.46 2.89
CA HIS B 154 32.17 -21.73 2.65
C HIS B 154 32.25 -22.16 1.19
N GLY B 155 33.17 -21.60 0.44
CA GLY B 155 33.35 -22.01 -0.96
C GLY B 155 32.31 -21.56 -1.97
N ILE B 156 31.57 -20.51 -1.66
CA ILE B 156 30.70 -19.92 -2.65
C ILE B 156 31.37 -18.65 -3.10
N THR B 157 31.76 -18.61 -4.36
CA THR B 157 32.48 -17.46 -4.90
C THR B 157 31.53 -16.34 -5.18
N ARG B 158 32.08 -15.16 -5.45
CA ARG B 158 31.29 -13.95 -5.59
C ARG B 158 30.32 -13.90 -6.75
N ASP B 159 30.58 -14.64 -7.83
CA ASP B 159 29.70 -14.63 -8.99
C ASP B 159 28.42 -15.36 -8.65
N ASN B 160 28.45 -16.16 -7.58
CA ASN B 160 27.25 -16.85 -7.08
C ASN B 160 26.59 -16.17 -5.89
N ILE B 161 26.95 -14.93 -5.61
CA ILE B 161 26.30 -14.12 -4.61
C ILE B 161 25.40 -13.13 -5.32
N ILE B 162 24.14 -13.03 -4.89
CA ILE B 162 23.19 -12.17 -5.57
C ILE B 162 22.55 -11.22 -4.58
N ASP B 163 22.73 -9.94 -4.82
CA ASP B 163 22.07 -8.90 -4.07
C ASP B 163 20.66 -8.74 -4.59
N LEU B 164 19.70 -9.07 -3.76
CA LEU B 164 18.31 -9.04 -4.17
C LEU B 164 17.72 -7.65 -4.04
N THR B 165 18.44 -6.70 -3.42
CA THR B 165 17.81 -5.40 -3.07
C THR B 165 17.35 -4.56 -4.22
N LYS B 166 17.84 -4.75 -5.43
CA LYS B 166 17.37 -3.89 -6.51
C LYS B 166 16.53 -4.64 -7.52
N THR B 167 16.04 -5.81 -7.09
CA THR B 167 15.27 -6.72 -7.93
C THR B 167 13.93 -6.83 -7.27
N ASP B 168 12.95 -7.28 -8.02
CA ASP B 168 11.64 -7.55 -7.46
C ASP B 168 11.76 -8.64 -6.39
N ARG B 169 11.38 -8.29 -5.16
CA ARG B 169 11.29 -9.24 -4.04
C ARG B 169 9.86 -9.43 -3.54
N CYS B 170 8.88 -9.09 -4.37
CA CYS B 170 7.47 -9.19 -4.02
C CYS B 170 7.07 -8.39 -2.80
N LEU B 171 7.65 -7.22 -2.60
CA LEU B 171 7.30 -6.38 -1.44
C LEU B 171 5.90 -5.78 -1.54
N GLN B 172 5.61 -4.89 -0.59
CA GLN B 172 4.49 -4.00 -0.67
C GLN B 172 4.98 -2.62 -0.36
N GLU C 14 15.65 12.78 0.92
CA GLU C 14 15.22 11.53 0.21
C GLU C 14 14.74 11.81 -1.23
N GLU C 15 14.09 12.94 -1.42
CA GLU C 15 13.57 13.36 -2.74
C GLU C 15 14.72 13.90 -3.61
N ALA C 16 15.17 13.10 -4.57
CA ALA C 16 16.27 13.48 -5.45
C ALA C 16 15.75 13.90 -6.83
N SER C 17 15.71 15.20 -7.06
CA SER C 17 15.19 15.75 -8.30
C SER C 17 16.30 15.89 -9.35
N PHE C 18 15.92 16.41 -10.53
CA PHE C 18 16.86 16.96 -11.53
C PHE C 18 17.13 18.45 -11.28
N GLU C 19 16.16 19.10 -10.63
CA GLU C 19 16.22 20.52 -10.28
C GLU C 19 17.21 20.84 -9.15
N ARG C 20 17.56 19.83 -8.36
CA ARG C 20 18.66 19.94 -7.39
C ARG C 20 20.00 19.50 -8.01
N GLY C 21 19.95 18.67 -9.06
CA GLY C 21 21.15 18.08 -9.65
C GLY C 21 21.87 17.13 -8.70
N ASN C 22 21.15 16.64 -7.68
CA ASN C 22 21.69 15.70 -6.67
C ASN C 22 21.33 14.25 -7.01
N LEU C 23 21.27 13.97 -8.32
CA LEU C 23 20.66 12.75 -8.83
C LEU C 23 21.69 11.65 -9.09
N ASP C 24 21.72 10.66 -8.20
CA ASP C 24 22.64 9.54 -8.30
C ASP C 24 22.02 8.48 -9.17
N VAL C 25 22.24 8.64 -10.47
CA VAL C 25 21.51 7.86 -11.45
C VAL C 25 21.79 6.36 -11.32
N ASP C 26 22.92 5.98 -10.73
CA ASP C 26 23.24 4.55 -10.55
C ASP C 26 22.22 3.80 -9.75
N LYS C 27 21.63 4.47 -8.76
CA LYS C 27 20.65 3.83 -7.88
C LYS C 27 19.28 3.57 -8.50
N LEU C 28 19.10 3.96 -9.76
CA LEU C 28 17.90 3.64 -10.50
C LEU C 28 17.99 2.27 -11.11
N ASN C 29 19.18 1.68 -11.09
CA ASN C 29 19.36 0.36 -11.63
C ASN C 29 18.35 -0.63 -11.07
N GLY C 30 17.87 -1.55 -11.91
CA GLY C 30 17.14 -2.72 -11.42
C GLY C 30 15.74 -2.84 -11.94
N ASP C 31 14.94 -3.63 -11.22
CA ASP C 31 13.54 -3.90 -11.60
C ASP C 31 12.61 -2.76 -11.24
N TRP C 32 11.63 -2.48 -12.12
CA TRP C 32 10.62 -1.45 -11.92
C TRP C 32 9.30 -1.91 -12.53
N PHE C 33 8.21 -1.32 -12.08
CA PHE C 33 6.90 -1.62 -12.61
C PHE C 33 6.17 -0.31 -12.98
N SER C 34 5.45 -0.32 -14.09
CA SER C 34 4.68 0.82 -14.54
C SER C 34 3.42 0.86 -13.69
N ILE C 35 3.23 1.96 -12.95
CA ILE C 35 2.10 2.09 -12.04
C ILE C 35 1.03 3.00 -12.62
N VAL C 36 1.42 4.21 -12.99
CA VAL C 36 0.49 5.16 -13.54
C VAL C 36 1.13 5.78 -14.76
N VAL C 37 0.31 6.05 -15.77
CA VAL C 37 0.75 6.76 -16.94
C VAL C 37 -0.24 7.87 -17.26
N ALA C 38 0.26 8.96 -17.83
CA ALA C 38 -0.54 10.13 -18.07
C ALA C 38 -0.06 10.85 -19.33
N SER C 39 -0.99 11.35 -20.12
CA SER C 39 -0.63 12.04 -21.34
C SER C 39 -1.69 13.05 -21.71
N ASP C 40 -1.25 14.20 -22.17
CA ASP C 40 -2.22 15.17 -22.70
C ASP C 40 -2.72 14.76 -24.07
N LYS C 41 -2.25 13.63 -24.62
CA LYS C 41 -2.82 13.03 -25.84
C LYS C 41 -3.22 11.58 -25.53
N ARG C 42 -4.44 11.45 -25.01
CA ARG C 42 -4.91 10.23 -24.37
C ARG C 42 -4.81 8.97 -25.25
N GLU C 43 -5.09 9.15 -26.53
CA GLU C 43 -5.05 8.06 -27.50
C GLU C 43 -3.79 7.17 -27.36
N LYS C 44 -2.66 7.80 -27.06
CA LYS C 44 -1.37 7.13 -27.00
C LYS C 44 -1.18 6.21 -25.82
N ILE C 45 -2.03 6.30 -24.81
CA ILE C 45 -1.87 5.48 -23.61
C ILE C 45 -3.06 4.59 -23.35
N GLU C 46 -3.95 4.51 -24.33
CA GLU C 46 -5.07 3.61 -24.25
C GLU C 46 -4.63 2.35 -24.93
N GLU C 47 -5.52 1.39 -25.05
CA GLU C 47 -5.16 0.11 -25.64
C GLU C 47 -4.66 0.36 -27.05
N ASN C 48 -3.58 -0.32 -27.41
CA ASN C 48 -2.87 -0.12 -28.67
C ASN C 48 -2.25 1.25 -28.88
N GLY C 49 -2.27 2.10 -27.86
CA GLY C 49 -1.42 3.28 -27.87
C GLY C 49 0.04 2.85 -27.77
N SER C 50 0.91 3.57 -28.44
CA SER C 50 2.31 3.16 -28.50
C SER C 50 3.03 3.51 -27.21
N MET C 51 2.45 4.37 -26.40
CA MET C 51 3.05 4.72 -25.12
C MET C 51 2.44 3.97 -23.95
N ARG C 52 1.49 3.09 -24.20
CA ARG C 52 1.04 2.20 -23.13
C ARG C 52 2.08 1.05 -22.99
N VAL C 53 3.19 1.39 -22.38
CA VAL C 53 4.28 0.47 -22.21
C VAL C 53 4.42 0.14 -20.73
N PHE C 54 4.84 -1.09 -20.44
CA PHE C 54 5.03 -1.52 -19.08
C PHE C 54 6.50 -1.80 -18.88
N VAL C 55 7.14 -0.97 -18.08
CA VAL C 55 8.56 -1.12 -17.81
C VAL C 55 8.81 -2.41 -17.04
N GLN C 56 9.97 -3.02 -17.29
CA GLN C 56 10.47 -4.20 -16.53
C GLN C 56 11.73 -3.87 -15.79
N HIS C 57 12.66 -3.23 -16.48
CA HIS C 57 14.00 -3.09 -15.98
C HIS C 57 14.61 -1.78 -16.42
N ILE C 58 15.49 -1.21 -15.61
CA ILE C 58 16.31 -0.10 -16.03
C ILE C 58 17.78 -0.43 -15.85
N ASP C 59 18.58 -0.26 -16.91
CA ASP C 59 20.02 -0.56 -16.88
C ASP C 59 20.82 0.71 -17.03
N VAL C 60 21.53 1.07 -15.99
CA VAL C 60 22.26 2.32 -15.99
C VAL C 60 23.59 2.07 -16.64
N LEU C 61 23.94 2.89 -17.62
CA LEU C 61 25.16 2.72 -18.38
C LEU C 61 25.99 3.99 -18.23
N GLU C 62 27.13 4.01 -18.87
CA GLU C 62 27.94 5.21 -18.97
C GLU C 62 27.17 6.24 -19.80
N ASN C 63 26.59 7.24 -19.15
CA ASN C 63 25.85 8.31 -19.82
C ASN C 63 24.66 7.90 -20.70
N SER C 64 24.01 6.81 -20.31
CA SER C 64 22.76 6.43 -20.93
C SER C 64 21.99 5.53 -19.98
N LEU C 65 20.68 5.46 -20.20
CA LEU C 65 19.80 4.55 -19.47
C LEU C 65 19.16 3.64 -20.48
N GLY C 66 19.14 2.35 -20.15
CA GLY C 66 18.52 1.36 -21.01
C GLY C 66 17.27 0.85 -20.33
N PHE C 67 16.14 0.92 -21.03
CA PHE C 67 14.88 0.49 -20.51
C PHE C 67 14.41 -0.75 -21.21
N THR C 68 13.85 -1.69 -20.47
CA THR C 68 13.21 -2.84 -21.06
C THR C 68 11.74 -2.69 -20.82
N PHE C 69 10.97 -2.74 -21.89
CA PHE C 69 9.54 -2.56 -21.82
C PHE C 69 8.84 -3.74 -22.35
N ARG C 70 7.59 -3.93 -21.90
CA ARG C 70 6.61 -4.75 -22.62
C ARG C 70 5.44 -3.90 -23.08
N ILE C 71 4.85 -4.36 -24.16
CA ILE C 71 3.76 -3.64 -24.77
C ILE C 71 2.83 -4.67 -25.37
N LYS C 72 1.57 -4.34 -25.45
CA LYS C 72 0.58 -5.29 -25.88
C LYS C 72 -0.05 -4.74 -27.12
N GLU C 73 0.32 -5.30 -28.27
CA GLU C 73 -0.30 -4.95 -29.54
C GLU C 73 -1.19 -6.08 -29.97
N ASN C 74 -2.48 -5.75 -30.06
CA ASN C 74 -3.48 -6.70 -30.46
C ASN C 74 -3.35 -8.00 -29.69
N GLY C 75 -3.56 -7.90 -28.38
CA GLY C 75 -3.61 -9.07 -27.51
C GLY C 75 -2.31 -9.81 -27.25
N VAL C 76 -1.19 -9.40 -27.86
CA VAL C 76 0.09 -10.08 -27.61
C VAL C 76 1.08 -9.17 -26.97
N CYS C 77 1.66 -9.63 -25.85
CA CYS C 77 2.75 -8.92 -25.19
C CYS C 77 4.07 -9.16 -25.93
N THR C 78 4.81 -8.10 -26.23
CA THR C 78 6.15 -8.20 -26.78
C THR C 78 7.03 -7.48 -25.85
N GLU C 79 8.27 -7.91 -25.78
CA GLU C 79 9.26 -7.24 -25.00
C GLU C 79 10.24 -6.61 -25.96
N PHE C 80 10.64 -5.38 -25.66
CA PHE C 80 11.64 -4.71 -26.45
C PHE C 80 12.43 -3.78 -25.53
N SER C 81 13.56 -3.30 -26.03
CA SER C 81 14.44 -2.49 -25.22
C SER C 81 14.77 -1.23 -25.93
N LEU C 82 15.03 -0.18 -25.16
CA LEU C 82 15.48 1.10 -25.71
C LEU C 82 16.65 1.58 -24.87
N VAL C 83 17.54 2.31 -25.51
CA VAL C 83 18.65 2.94 -24.82
C VAL C 83 18.55 4.40 -25.09
N ALA C 84 18.55 5.16 -24.01
CA ALA C 84 18.37 6.58 -24.10
C ALA C 84 19.69 7.18 -23.76
N ASP C 85 20.13 8.14 -24.55
CA ASP C 85 21.41 8.81 -24.33
C ASP C 85 21.24 10.10 -23.55
N LYS C 86 22.17 10.35 -22.62
CA LYS C 86 22.18 11.59 -21.89
C LYS C 86 22.56 12.71 -22.86
N THR C 87 21.71 13.71 -22.99
CA THR C 87 22.02 14.80 -23.90
C THR C 87 22.81 15.86 -23.14
N ALA C 88 23.29 16.85 -23.86
CA ALA C 88 24.04 17.95 -23.26
C ALA C 88 23.25 18.74 -22.20
N LYS C 89 21.94 18.85 -22.38
CA LYS C 89 21.09 19.65 -21.47
C LYS C 89 20.86 19.01 -20.08
N ASP C 90 20.47 19.81 -19.10
CA ASP C 90 20.44 19.37 -17.70
C ASP C 90 19.39 18.29 -17.45
N GLY C 91 19.86 17.10 -17.13
CA GLY C 91 18.98 15.96 -16.84
C GLY C 91 18.28 15.31 -18.02
N GLU C 92 18.35 15.92 -19.20
CA GLU C 92 17.66 15.42 -20.35
C GLU C 92 18.27 14.18 -20.94
N TYR C 93 17.40 13.36 -21.49
CA TYR C 93 17.79 12.17 -22.19
C TYR C 93 17.06 12.16 -23.50
N PHE C 94 17.67 11.56 -24.51
CA PHE C 94 17.03 11.43 -25.82
C PHE C 94 16.93 9.97 -26.20
N VAL C 95 15.77 9.60 -26.76
CA VAL C 95 15.61 8.27 -27.27
C VAL C 95 14.61 8.29 -28.42
N GLU C 96 14.84 7.43 -29.40
CA GLU C 96 13.99 7.38 -30.59
C GLU C 96 12.97 6.24 -30.48
N TYR C 97 11.68 6.59 -30.47
CA TYR C 97 10.61 5.61 -30.31
C TYR C 97 9.30 6.28 -30.67
N ASP C 98 8.66 5.79 -31.72
CA ASP C 98 7.46 6.43 -32.24
C ASP C 98 7.66 7.94 -32.27
N GLY C 99 8.79 8.37 -32.83
CA GLY C 99 9.14 9.78 -32.92
C GLY C 99 10.43 10.05 -32.18
N GLU C 100 10.66 11.32 -31.90
CA GLU C 100 11.80 11.75 -31.13
C GLU C 100 11.30 12.07 -29.70
N ASN C 101 11.91 11.44 -28.70
CA ASN C 101 11.53 11.65 -27.31
C ASN C 101 12.61 12.23 -26.47
N THR C 102 12.23 13.21 -25.66
CA THR C 102 13.16 13.84 -24.76
C THR C 102 12.54 13.69 -23.42
N PHE C 103 13.32 13.24 -22.44
CA PHE C 103 12.75 13.08 -21.13
C PHE C 103 13.69 13.32 -20.00
N THR C 104 13.10 13.61 -18.84
CA THR C 104 13.84 13.95 -17.65
C THR C 104 13.20 13.20 -16.50
N ILE C 105 13.95 13.06 -15.41
CA ILE C 105 13.46 12.42 -14.24
C ILE C 105 12.93 13.49 -13.34
N LEU C 106 11.61 13.62 -13.19
CA LEU C 106 11.05 14.64 -12.30
C LEU C 106 11.50 14.49 -10.86
N LYS C 107 11.46 13.28 -10.33
CA LYS C 107 11.53 13.08 -8.91
C LYS C 107 11.66 11.59 -8.61
N THR C 108 12.43 11.22 -7.60
CA THR C 108 12.60 9.82 -7.21
C THR C 108 13.17 9.70 -5.81
N ASP C 109 12.89 8.60 -5.13
CA ASP C 109 13.59 8.29 -3.91
C ASP C 109 14.43 7.03 -4.06
N TYR C 110 14.63 6.62 -5.31
CA TYR C 110 15.51 5.48 -5.66
C TYR C 110 14.96 4.10 -5.36
N ASP C 111 14.54 3.87 -4.13
CA ASP C 111 14.13 2.53 -3.76
C ASP C 111 12.62 2.36 -3.55
N ASN C 112 11.82 3.33 -4.02
CA ASN C 112 10.36 3.13 -4.12
C ASN C 112 9.74 3.56 -5.43
N TYR C 113 10.04 4.79 -5.84
CA TYR C 113 9.33 5.37 -6.97
C TYR C 113 10.28 6.22 -7.80
N VAL C 114 9.92 6.37 -9.07
CA VAL C 114 10.56 7.36 -9.92
C VAL C 114 9.47 7.91 -10.85
N MET C 115 9.48 9.23 -11.07
CA MET C 115 8.51 9.88 -11.95
C MET C 115 9.28 10.46 -13.12
N PHE C 116 8.82 10.18 -14.35
CA PHE C 116 9.44 10.71 -15.56
C PHE C 116 8.53 11.70 -16.26
N HIS C 117 9.14 12.69 -16.90
CA HIS C 117 8.43 13.61 -17.76
C HIS C 117 9.04 13.52 -19.13
N LEU C 118 8.20 13.29 -20.12
CA LEU C 118 8.67 12.99 -21.47
C LEU C 118 7.87 13.77 -22.48
N VAL C 119 8.57 14.31 -23.48
CA VAL C 119 7.92 14.99 -24.56
C VAL C 119 8.22 14.25 -25.86
N ASN C 120 7.19 14.00 -26.66
CA ASN C 120 7.34 13.31 -27.93
C ASN C 120 7.05 14.22 -29.09
N VAL C 121 7.98 14.30 -30.02
CA VAL C 121 7.77 15.04 -31.24
C VAL C 121 7.66 14.09 -32.40
N ASN C 122 6.63 14.25 -33.22
CA ASN C 122 6.42 13.36 -34.33
C ASN C 122 5.49 14.04 -35.33
N ASN C 123 5.95 14.16 -36.57
CA ASN C 123 5.20 14.84 -37.64
C ASN C 123 4.78 16.24 -37.27
N GLY C 124 5.65 16.98 -36.59
CA GLY C 124 5.30 18.31 -36.14
C GLY C 124 4.36 18.39 -34.95
N GLU C 125 3.57 17.33 -34.70
CA GLU C 125 2.78 17.22 -33.47
C GLU C 125 3.65 16.90 -32.25
N THR C 126 3.19 17.35 -31.09
CA THR C 126 3.89 17.15 -29.81
C THR C 126 2.91 16.82 -28.70
N PHE C 127 3.33 15.95 -27.80
CA PHE C 127 2.54 15.72 -26.59
C PHE C 127 3.43 15.42 -25.40
N GLN C 128 2.84 15.51 -24.22
CA GLN C 128 3.52 15.19 -22.98
C GLN C 128 3.09 13.83 -22.53
N LEU C 129 4.03 13.17 -21.88
CA LEU C 129 3.77 11.88 -21.27
C LEU C 129 4.45 11.94 -19.92
N MET C 130 3.74 11.50 -18.88
CA MET C 130 4.34 11.34 -17.57
C MET C 130 4.11 9.93 -17.05
N GLU C 131 5.13 9.34 -16.43
CA GLU C 131 5.07 7.95 -15.98
C GLU C 131 5.48 7.87 -14.52
N LEU C 132 4.82 7.00 -13.77
CA LEU C 132 5.18 6.71 -12.38
C LEU C 132 5.55 5.26 -12.29
N TYR C 133 6.81 5.00 -11.95
CA TYR C 133 7.28 3.61 -11.81
C TYR C 133 7.49 3.31 -10.35
N GLY C 134 7.27 2.05 -9.98
CA GLY C 134 7.54 1.62 -8.62
C GLY C 134 8.51 0.47 -8.60
N ARG C 135 9.11 0.20 -7.43
CA ARG C 135 9.94 -1.00 -7.26
C ARG C 135 9.11 -2.21 -6.83
N THR C 136 7.82 -1.99 -6.61
CA THR C 136 6.84 -3.02 -6.35
C THR C 136 5.70 -2.89 -7.37
N LYS C 137 4.90 -3.94 -7.57
CA LYS C 137 3.73 -3.88 -8.48
C LYS C 137 2.77 -2.74 -8.20
N ASP C 138 2.73 -2.29 -6.95
CA ASP C 138 1.87 -1.18 -6.59
C ASP C 138 2.59 -0.18 -5.72
N LEU C 139 2.05 1.03 -5.66
CA LEU C 139 2.48 2.02 -4.69
C LEU C 139 1.31 2.50 -3.91
N SER C 140 1.61 3.22 -2.84
CA SER C 140 0.59 3.77 -1.97
C SER C 140 -0.18 4.90 -2.65
N SER C 141 -1.34 5.21 -2.08
CA SER C 141 -2.18 6.30 -2.54
C SER C 141 -1.49 7.64 -2.49
N ASP C 142 -0.74 7.83 -1.41
CA ASP C 142 -0.01 9.06 -1.19
C ASP C 142 0.86 9.45 -2.39
N ILE C 143 1.64 8.49 -2.88
CA ILE C 143 2.55 8.72 -3.99
C ILE C 143 1.79 8.90 -5.31
N LYS C 144 0.75 8.10 -5.53
CA LYS C 144 -0.09 8.27 -6.71
C LYS C 144 -0.75 9.62 -6.76
N GLU C 145 -1.14 10.13 -5.61
CA GLU C 145 -1.79 11.42 -5.57
C GLU C 145 -0.76 12.54 -5.76
N LYS C 146 0.44 12.37 -5.21
CA LYS C 146 1.52 13.32 -5.49
C LYS C 146 1.82 13.35 -6.97
N PHE C 147 1.80 12.20 -7.59
CA PHE C 147 2.06 12.10 -8.99
C PHE C 147 0.95 12.82 -9.78
N ALA C 148 -0.30 12.63 -9.37
CA ALA C 148 -1.45 13.26 -10.06
C ALA C 148 -1.35 14.79 -9.96
N LYS C 149 -0.93 15.32 -8.81
CA LYS C 149 -0.71 16.72 -8.71
C LYS C 149 0.30 17.23 -9.76
N LEU C 150 1.42 16.54 -9.92
CA LEU C 150 2.38 16.98 -10.92
C LEU C 150 1.78 16.88 -12.32
N CYS C 151 1.00 15.84 -12.61
CA CYS C 151 0.39 15.77 -13.91
C CYS C 151 -0.48 17.02 -14.17
N VAL C 152 -1.31 17.37 -13.18
CA VAL C 152 -2.20 18.52 -13.30
C VAL C 152 -1.41 19.81 -13.41
N ALA C 153 -0.35 19.92 -12.62
CA ALA C 153 0.59 21.04 -12.75
C ALA C 153 1.16 21.18 -14.17
N HIS C 154 1.41 20.06 -14.87
CA HIS C 154 1.89 20.10 -16.25
C HIS C 154 0.76 20.16 -17.24
N GLY C 155 -0.45 20.49 -16.79
CA GLY C 155 -1.59 20.57 -17.68
C GLY C 155 -2.19 19.26 -18.19
N ILE C 156 -1.91 18.15 -17.53
CA ILE C 156 -2.58 16.91 -17.90
C ILE C 156 -3.64 16.70 -16.83
N THR C 157 -4.91 16.75 -17.24
CA THR C 157 -6.02 16.65 -16.30
C THR C 157 -6.26 15.21 -15.92
N ARG C 158 -7.06 15.00 -14.89
CA ARG C 158 -7.18 13.69 -14.26
C ARG C 158 -7.84 12.61 -15.09
N ASP C 159 -8.65 13.03 -16.06
CA ASP C 159 -9.24 12.07 -16.98
C ASP C 159 -8.21 11.46 -17.92
N ASN C 160 -7.06 12.11 -18.06
CA ASN C 160 -5.96 11.60 -18.85
C ASN C 160 -4.86 10.92 -18.03
N ILE C 161 -5.16 10.61 -16.78
CA ILE C 161 -4.26 9.83 -15.94
C ILE C 161 -4.82 8.43 -15.87
N ILE C 162 -3.99 7.44 -16.06
CA ILE C 162 -4.45 6.06 -16.07
C ILE C 162 -3.64 5.20 -15.12
N ASP C 163 -4.33 4.63 -14.13
CA ASP C 163 -3.71 3.73 -13.18
C ASP C 163 -3.65 2.37 -13.86
N LEU C 164 -2.45 1.91 -14.11
CA LEU C 164 -2.27 0.67 -14.80
C LEU C 164 -2.35 -0.51 -13.86
N THR C 165 -2.36 -0.28 -12.54
CA THR C 165 -2.24 -1.40 -11.60
C THR C 165 -3.51 -2.19 -11.67
N LYS C 166 -4.54 -1.62 -12.29
CA LYS C 166 -5.87 -2.23 -12.40
C LYS C 166 -6.11 -2.89 -13.78
N THR C 167 -5.04 -3.17 -14.52
CA THR C 167 -5.15 -3.68 -15.87
C THR C 167 -4.02 -4.65 -16.18
N ASP C 168 -4.15 -5.39 -17.28
CA ASP C 168 -3.09 -6.26 -17.74
C ASP C 168 -1.86 -5.41 -18.06
N ARG C 169 -0.75 -5.68 -17.37
CA ARG C 169 0.55 -5.04 -17.62
C ARG C 169 1.58 -6.06 -18.12
N CYS C 170 1.11 -7.18 -18.63
CA CYS C 170 1.99 -8.24 -19.11
C CYS C 170 2.95 -8.78 -18.07
N LEU C 171 2.50 -8.88 -16.82
CA LEU C 171 3.30 -9.49 -15.78
C LEU C 171 3.42 -11.01 -16.08
N GLN C 172 2.36 -11.61 -16.61
CA GLN C 172 2.27 -13.05 -16.86
C GLN C 172 2.65 -13.32 -18.30
N GLU D 14 -17.23 27.04 -15.49
CA GLU D 14 -16.62 25.83 -14.85
C GLU D 14 -17.68 24.79 -14.45
N GLU D 15 -18.86 25.28 -14.01
CA GLU D 15 -19.97 24.42 -13.60
C GLU D 15 -20.71 23.86 -14.82
N ALA D 16 -20.47 22.58 -15.14
CA ALA D 16 -21.10 21.96 -16.30
C ALA D 16 -22.26 21.06 -15.87
N SER D 17 -23.47 21.53 -16.08
CA SER D 17 -24.68 20.81 -15.72
C SER D 17 -25.19 19.91 -16.87
N PHE D 18 -26.29 19.21 -16.62
CA PHE D 18 -27.10 18.55 -17.68
C PHE D 18 -28.15 19.53 -18.19
N GLU D 19 -28.52 20.49 -17.34
CA GLU D 19 -29.52 21.53 -17.65
C GLU D 19 -29.03 22.58 -18.63
N ARG D 20 -27.71 22.71 -18.76
CA ARG D 20 -27.11 23.49 -19.85
C ARG D 20 -26.83 22.64 -21.09
N GLY D 21 -26.70 21.32 -20.92
CA GLY D 21 -26.34 20.42 -22.02
C GLY D 21 -24.93 20.67 -22.53
N ASN D 22 -24.10 21.32 -21.71
CA ASN D 22 -22.70 21.63 -22.03
C ASN D 22 -21.75 20.60 -21.39
N LEU D 23 -22.22 19.36 -21.29
CA LEU D 23 -21.59 18.31 -20.51
C LEU D 23 -20.66 17.42 -21.32
N ASP D 24 -19.36 17.65 -21.16
CA ASP D 24 -18.35 16.89 -21.89
C ASP D 24 -18.04 15.65 -21.08
N VAL D 25 -18.82 14.61 -21.32
CA VAL D 25 -18.78 13.42 -20.51
C VAL D 25 -17.41 12.72 -20.52
N ASP D 26 -16.62 12.92 -21.57
CA ASP D 26 -15.31 12.30 -21.65
C ASP D 26 -14.38 12.72 -20.50
N LYS D 27 -14.52 13.95 -20.02
CA LYS D 27 -13.67 14.46 -18.95
C LYS D 27 -14.01 13.92 -17.57
N LEU D 28 -15.00 13.05 -17.48
CA LEU D 28 -15.29 12.38 -16.23
C LEU D 28 -14.43 11.16 -16.05
N ASN D 29 -13.75 10.76 -17.12
CA ASN D 29 -12.92 9.59 -17.10
C ASN D 29 -11.96 9.64 -15.94
N GLY D 30 -11.71 8.50 -15.30
CA GLY D 30 -10.64 8.38 -14.36
C GLY D 30 -11.04 8.01 -12.95
N ASP D 31 -10.13 8.28 -12.00
CA ASP D 31 -10.29 7.91 -10.59
C ASP D 31 -11.22 8.90 -9.89
N TRP D 32 -12.03 8.36 -8.99
CA TRP D 32 -12.93 9.17 -8.14
C TRP D 32 -13.08 8.52 -6.77
N PHE D 33 -13.52 9.30 -5.79
CA PHE D 33 -13.74 8.81 -4.44
C PHE D 33 -15.12 9.25 -3.99
N SER D 34 -15.82 8.38 -3.28
CA SER D 34 -17.13 8.67 -2.75
C SER D 34 -16.95 9.52 -1.53
N ILE D 35 -17.54 10.72 -1.52
CA ILE D 35 -17.34 11.68 -0.41
C ILE D 35 -18.58 11.78 0.46
N VAL D 36 -19.72 12.02 -0.17
CA VAL D 36 -20.99 12.11 0.54
C VAL D 36 -22.03 11.35 -0.21
N VAL D 37 -22.91 10.70 0.51
CA VAL D 37 -24.03 10.00 -0.07
C VAL D 37 -25.31 10.35 0.69
N ALA D 38 -26.42 10.41 -0.03
CA ALA D 38 -27.68 10.90 0.50
C ALA D 38 -28.85 10.16 -0.11
N SER D 39 -29.84 9.83 0.72
CA SER D 39 -30.98 9.09 0.22
C SER D 39 -32.19 9.38 1.06
N ASP D 40 -33.34 9.52 0.41
CA ASP D 40 -34.58 9.64 1.18
C ASP D 40 -35.04 8.30 1.75
N LYS D 41 -34.29 7.22 1.52
CA LYS D 41 -34.50 5.93 2.18
C LYS D 41 -33.19 5.51 2.86
N ARG D 42 -32.99 6.02 4.07
CA ARG D 42 -31.71 5.98 4.77
C ARG D 42 -31.10 4.58 4.92
N GLU D 43 -31.95 3.60 5.16
CA GLU D 43 -31.53 2.22 5.33
C GLU D 43 -30.52 1.76 4.27
N LYS D 44 -30.71 2.24 3.04
CA LYS D 44 -29.93 1.81 1.90
C LYS D 44 -28.50 2.35 1.86
N ILE D 45 -28.19 3.36 2.69
CA ILE D 45 -26.84 3.93 2.69
C ILE D 45 -26.16 3.82 4.04
N GLU D 46 -26.74 3.02 4.93
CA GLU D 46 -26.12 2.73 6.21
C GLU D 46 -25.34 1.45 6.01
N GLU D 47 -24.74 0.93 7.08
CA GLU D 47 -23.92 -0.25 6.97
C GLU D 47 -24.75 -1.38 6.43
N ASN D 48 -24.19 -2.13 5.49
CA ASN D 48 -24.87 -3.17 4.76
C ASN D 48 -26.02 -2.72 3.86
N GLY D 49 -26.24 -1.43 3.73
CA GLY D 49 -27.12 -0.93 2.68
C GLY D 49 -26.49 -1.27 1.36
N SER D 50 -27.31 -1.56 0.36
CA SER D 50 -26.79 -1.89 -0.97
C SER D 50 -26.31 -0.66 -1.74
N MET D 51 -26.71 0.54 -1.32
CA MET D 51 -26.23 1.75 -1.97
C MET D 51 -25.08 2.39 -1.23
N ARG D 52 -24.60 1.80 -0.14
CA ARG D 52 -23.36 2.29 0.46
C ARG D 52 -22.17 1.73 -0.32
N VAL D 53 -21.96 2.33 -1.49
CA VAL D 53 -20.91 1.90 -2.37
C VAL D 53 -19.86 3.01 -2.44
N PHE D 54 -18.59 2.59 -2.61
CA PHE D 54 -17.49 3.52 -2.70
C PHE D 54 -16.90 3.44 -4.09
N VAL D 55 -17.10 4.50 -4.87
CA VAL D 55 -16.61 4.50 -6.24
C VAL D 55 -15.10 4.48 -6.25
N GLN D 56 -14.53 3.85 -7.28
CA GLN D 56 -13.07 3.84 -7.55
C GLN D 56 -12.76 4.53 -8.89
N HIS D 57 -13.52 4.19 -9.92
CA HIS D 57 -13.16 4.55 -11.25
C HIS D 57 -14.39 4.80 -12.09
N ILE D 58 -14.30 5.70 -13.05
CA ILE D 58 -15.32 5.84 -14.06
C ILE D 58 -14.70 5.69 -15.44
N ASP D 59 -15.29 4.81 -16.26
CA ASP D 59 -14.80 4.57 -17.61
C ASP D 59 -15.83 5.07 -18.58
N VAL D 60 -15.48 6.10 -19.35
CA VAL D 60 -16.39 6.64 -20.35
C VAL D 60 -16.29 5.83 -21.65
N LEU D 61 -17.44 5.34 -22.12
CA LEU D 61 -17.49 4.48 -23.30
C LEU D 61 -18.36 5.15 -24.36
N GLU D 62 -18.51 4.48 -25.50
CA GLU D 62 -19.47 4.89 -26.51
C GLU D 62 -20.88 4.77 -25.93
N ASN D 63 -21.46 5.90 -25.57
CA ASN D 63 -22.83 5.94 -25.04
C ASN D 63 -23.11 5.09 -23.80
N SER D 64 -22.10 4.94 -22.97
CA SER D 64 -22.29 4.36 -21.65
C SER D 64 -21.16 4.79 -20.73
N LEU D 65 -21.42 4.72 -19.41
CA LEU D 65 -20.44 4.96 -18.36
C LEU D 65 -20.29 3.68 -17.57
N GLY D 66 -19.05 3.29 -17.32
CA GLY D 66 -18.74 2.11 -16.54
C GLY D 66 -18.17 2.54 -15.22
N PHE D 67 -18.77 2.08 -14.14
CA PHE D 67 -18.36 2.44 -12.81
C PHE D 67 -17.72 1.23 -12.18
N THR D 68 -16.65 1.44 -11.44
CA THR D 68 -16.10 0.40 -10.59
C THR D 68 -16.36 0.83 -9.16
N PHE D 69 -16.99 -0.05 -8.40
CA PHE D 69 -17.32 0.24 -7.02
C PHE D 69 -16.72 -0.79 -6.08
N ARG D 70 -16.55 -0.39 -4.82
CA ARG D 70 -16.39 -1.33 -3.72
C ARG D 70 -17.51 -1.21 -2.73
N ILE D 71 -17.77 -2.30 -2.04
CA ILE D 71 -18.85 -2.35 -1.09
C ILE D 71 -18.44 -3.27 0.02
N LYS D 72 -18.96 -3.04 1.22
CA LYS D 72 -18.54 -3.78 2.37
C LYS D 72 -19.73 -4.50 2.94
N GLU D 73 -19.77 -5.80 2.72
CA GLU D 73 -20.83 -6.63 3.26
C GLU D 73 -20.23 -7.45 4.37
N ASN D 74 -20.78 -7.25 5.55
CA ASN D 74 -20.34 -7.97 6.75
C ASN D 74 -18.83 -7.97 6.85
N GLY D 75 -18.29 -6.78 7.03
CA GLY D 75 -16.87 -6.61 7.26
C GLY D 75 -15.90 -6.90 6.11
N VAL D 76 -16.38 -7.33 4.94
CA VAL D 76 -15.46 -7.61 3.82
C VAL D 76 -15.76 -6.73 2.64
N CYS D 77 -14.71 -6.07 2.14
CA CYS D 77 -14.82 -5.28 0.90
C CYS D 77 -14.78 -6.20 -0.31
N THR D 78 -15.68 -5.99 -1.27
CA THR D 78 -15.54 -6.59 -2.62
C THR D 78 -15.61 -5.50 -3.64
N GLU D 79 -15.03 -5.77 -4.79
CA GLU D 79 -15.04 -4.84 -5.89
C GLU D 79 -15.88 -5.40 -6.98
N PHE D 80 -16.67 -4.54 -7.62
CA PHE D 80 -17.51 -4.98 -8.73
C PHE D 80 -17.66 -3.82 -9.70
N SER D 81 -18.16 -4.11 -10.89
CA SER D 81 -18.32 -3.10 -11.90
C SER D 81 -19.73 -3.10 -12.47
N LEU D 82 -20.18 -1.93 -12.90
CA LEU D 82 -21.47 -1.77 -13.56
C LEU D 82 -21.22 -0.96 -14.78
N VAL D 83 -22.04 -1.20 -15.79
CA VAL D 83 -22.06 -0.39 -16.97
C VAL D 83 -23.46 0.17 -17.10
N ALA D 84 -23.54 1.49 -17.23
CA ALA D 84 -24.79 2.18 -17.34
C ALA D 84 -24.91 2.66 -18.78
N ASP D 85 -26.07 2.43 -19.39
CA ASP D 85 -26.30 2.83 -20.77
C ASP D 85 -27.00 4.16 -20.84
N LYS D 86 -26.58 4.99 -21.79
CA LYS D 86 -27.23 6.27 -22.03
C LYS D 86 -28.62 5.97 -22.59
N THR D 87 -29.66 6.51 -21.96
CA THR D 87 -31.01 6.32 -22.46
C THR D 87 -31.36 7.46 -23.42
N ALA D 88 -32.52 7.35 -24.06
CA ALA D 88 -33.01 8.38 -24.99
C ALA D 88 -33.21 9.79 -24.38
N LYS D 89 -33.58 9.85 -23.10
CA LYS D 89 -33.84 11.13 -22.43
C LYS D 89 -32.56 11.95 -22.13
N ASP D 90 -32.73 13.25 -21.89
CA ASP D 90 -31.59 14.16 -21.78
C ASP D 90 -30.73 13.90 -20.54
N GLY D 91 -29.50 13.49 -20.78
CA GLY D 91 -28.56 13.22 -19.69
C GLY D 91 -28.78 11.93 -18.91
N GLU D 92 -29.91 11.26 -19.11
CA GLU D 92 -30.25 10.09 -18.31
C GLU D 92 -29.43 8.87 -18.68
N TYR D 93 -29.19 8.05 -17.67
CA TYR D 93 -28.52 6.77 -17.83
C TYR D 93 -29.35 5.71 -17.13
N PHE D 94 -29.28 4.49 -17.62
CA PHE D 94 -29.95 3.38 -16.98
C PHE D 94 -28.93 2.32 -16.57
N VAL D 95 -29.08 1.77 -15.37
CA VAL D 95 -28.27 0.64 -14.98
C VAL D 95 -29.07 -0.25 -14.02
N GLU D 96 -28.83 -1.56 -14.08
CA GLU D 96 -29.55 -2.53 -13.24
C GLU D 96 -28.69 -2.94 -12.03
N TYR D 97 -29.19 -2.63 -10.83
CA TYR D 97 -28.46 -2.88 -9.59
C TYR D 97 -29.40 -2.71 -8.42
N ASP D 98 -29.64 -3.81 -7.71
CA ASP D 98 -30.66 -3.83 -6.68
C ASP D 98 -31.91 -3.12 -7.14
N GLY D 99 -32.40 -3.49 -8.32
CA GLY D 99 -33.55 -2.86 -8.95
C GLY D 99 -33.18 -2.18 -10.26
N GLU D 100 -34.07 -1.30 -10.70
CA GLU D 100 -33.85 -0.52 -11.91
C GLU D 100 -33.46 0.89 -11.49
N ASN D 101 -32.32 1.35 -11.99
CA ASN D 101 -31.83 2.68 -11.65
C ASN D 101 -31.73 3.59 -12.84
N THR D 102 -32.19 4.82 -12.66
CA THR D 102 -32.07 5.85 -13.68
C THR D 102 -31.34 6.98 -13.03
N PHE D 103 -30.34 7.52 -13.70
CA PHE D 103 -29.60 8.60 -13.08
C PHE D 103 -29.07 9.64 -14.05
N THR D 104 -28.78 10.81 -13.50
CA THR D 104 -28.26 11.91 -14.26
C THR D 104 -27.13 12.55 -13.47
N ILE D 105 -26.34 13.35 -14.17
CA ILE D 105 -25.27 14.07 -13.55
C ILE D 105 -25.74 15.46 -13.24
N LEU D 106 -25.96 15.76 -11.98
CA LEU D 106 -26.47 17.07 -11.64
C LEU D 106 -25.54 18.17 -12.03
N LYS D 107 -24.26 18.00 -11.73
CA LYS D 107 -23.33 19.13 -11.70
C LYS D 107 -21.90 18.60 -11.54
N THR D 108 -20.94 19.23 -12.19
CA THR D 108 -19.53 18.82 -12.08
C THR D 108 -18.61 19.90 -12.58
N ASP D 109 -17.38 19.93 -12.10
CA ASP D 109 -16.34 20.77 -12.72
C ASP D 109 -15.23 19.90 -13.28
N TYR D 110 -15.52 18.61 -13.44
CA TYR D 110 -14.65 17.66 -14.11
C TYR D 110 -13.46 17.27 -13.33
N ASP D 111 -12.69 18.23 -12.87
CA ASP D 111 -11.43 17.88 -12.21
C ASP D 111 -11.39 18.12 -10.69
N ASN D 112 -12.56 18.28 -10.06
CA ASN D 112 -12.67 18.23 -8.60
C ASN D 112 -13.84 17.43 -8.07
N TYR D 113 -15.03 17.69 -8.60
CA TYR D 113 -16.25 17.06 -8.05
C TYR D 113 -17.25 16.70 -9.14
N VAL D 114 -18.09 15.73 -8.84
CA VAL D 114 -19.25 15.42 -9.67
C VAL D 114 -20.37 14.98 -8.74
N MET D 115 -21.59 15.45 -9.02
CA MET D 115 -22.75 15.11 -8.19
C MET D 115 -23.67 14.33 -9.08
N PHE D 116 -24.16 13.17 -8.61
CA PHE D 116 -25.15 12.37 -9.33
C PHE D 116 -26.50 12.36 -8.63
N HIS D 117 -27.57 12.27 -9.43
CA HIS D 117 -28.91 12.07 -8.91
C HIS D 117 -29.44 10.80 -9.51
N LEU D 118 -29.92 9.93 -8.66
CA LEU D 118 -30.33 8.61 -9.07
C LEU D 118 -31.67 8.25 -8.45
N VAL D 119 -32.53 7.61 -9.24
CA VAL D 119 -33.78 7.06 -8.75
C VAL D 119 -33.79 5.54 -8.90
N ASN D 120 -34.15 4.83 -7.84
CA ASN D 120 -34.20 3.38 -7.85
C ASN D 120 -35.64 2.89 -7.74
N VAL D 121 -36.05 2.05 -8.68
CA VAL D 121 -37.35 1.40 -8.59
C VAL D 121 -37.16 -0.06 -8.30
N ASN D 122 -37.89 -0.59 -7.35
CA ASN D 122 -37.75 -1.97 -6.96
C ASN D 122 -38.99 -2.38 -6.16
N ASN D 123 -39.67 -3.43 -6.63
CA ASN D 123 -40.92 -3.92 -6.02
C ASN D 123 -41.98 -2.84 -5.89
N GLY D 124 -42.09 -1.98 -6.89
CA GLY D 124 -43.02 -0.85 -6.80
C GLY D 124 -42.63 0.31 -5.89
N GLU D 125 -41.74 0.06 -4.91
CA GLU D 125 -41.14 1.14 -4.11
C GLU D 125 -40.11 1.91 -4.93
N THR D 126 -39.95 3.17 -4.55
CA THR D 126 -38.98 4.07 -5.19
C THR D 126 -38.26 4.91 -4.15
N PHE D 127 -36.97 5.18 -4.40
CA PHE D 127 -36.26 6.15 -3.59
C PHE D 127 -35.24 6.93 -4.39
N GLN D 128 -34.80 8.03 -3.82
CA GLN D 128 -33.78 8.87 -4.43
C GLN D 128 -32.48 8.63 -3.75
N LEU D 129 -31.43 8.75 -4.54
CA LEU D 129 -30.07 8.64 -4.04
C LEU D 129 -29.31 9.74 -4.70
N MET D 130 -28.53 10.49 -3.92
CA MET D 130 -27.59 11.47 -4.47
C MET D 130 -26.18 11.23 -3.96
N GLU D 131 -25.19 11.35 -4.85
CA GLU D 131 -23.79 11.01 -4.51
C GLU D 131 -22.90 12.17 -4.88
N LEU D 132 -21.91 12.44 -4.03
CA LEU D 132 -20.91 13.43 -4.31
C LEU D 132 -19.58 12.71 -4.40
N TYR D 133 -18.97 12.75 -5.58
CA TYR D 133 -17.66 12.15 -5.78
C TYR D 133 -16.61 13.26 -5.88
N GLY D 134 -15.40 12.97 -5.39
CA GLY D 134 -14.26 13.87 -5.59
C GLY D 134 -13.13 13.19 -6.33
N ARG D 135 -12.19 13.98 -6.87
CA ARG D 135 -11.00 13.42 -7.48
C ARG D 135 -9.90 13.19 -6.42
N THR D 136 -10.18 13.61 -5.19
CA THR D 136 -9.33 13.41 -4.01
C THR D 136 -10.16 12.80 -2.92
N LYS D 137 -9.52 12.16 -1.95
CA LYS D 137 -10.25 11.52 -0.85
C LYS D 137 -11.24 12.46 -0.16
N ASP D 138 -10.97 13.76 -0.19
CA ASP D 138 -11.83 14.71 0.51
C ASP D 138 -12.04 15.93 -0.33
N LEU D 139 -13.12 16.65 -0.02
CA LEU D 139 -13.38 17.90 -0.65
C LEU D 139 -13.63 18.92 0.43
N SER D 140 -13.67 20.17 0.03
CA SER D 140 -13.87 21.28 0.94
C SER D 140 -15.29 21.33 1.46
N SER D 141 -15.49 22.07 2.54
CA SER D 141 -16.81 22.31 3.10
C SER D 141 -17.73 22.96 2.10
N ASP D 142 -17.16 23.89 1.33
CA ASP D 142 -17.92 24.69 0.39
C ASP D 142 -18.70 23.79 -0.56
N ILE D 143 -18.03 22.78 -1.08
CA ILE D 143 -18.61 21.88 -2.05
C ILE D 143 -19.59 20.93 -1.36
N LYS D 144 -19.24 20.44 -0.17
CA LYS D 144 -20.16 19.61 0.60
C LYS D 144 -21.45 20.32 0.96
N GLU D 145 -21.36 21.62 1.23
CA GLU D 145 -22.54 22.43 1.54
C GLU D 145 -23.38 22.72 0.28
N LYS D 146 -22.72 22.94 -0.85
CA LYS D 146 -23.45 23.07 -2.12
C LYS D 146 -24.19 21.80 -2.44
N PHE D 147 -23.56 20.67 -2.14
CA PHE D 147 -24.18 19.40 -2.36
C PHE D 147 -25.38 19.20 -1.44
N ALA D 148 -25.23 19.61 -0.19
CA ALA D 148 -26.32 19.48 0.77
C ALA D 148 -27.54 20.28 0.30
N LYS D 149 -27.31 21.48 -0.22
CA LYS D 149 -28.41 22.29 -0.73
C LYS D 149 -29.19 21.57 -1.82
N LEU D 150 -28.50 20.94 -2.74
CA LEU D 150 -29.20 20.17 -3.75
C LEU D 150 -29.94 18.96 -3.18
N CYS D 151 -29.36 18.29 -2.20
CA CYS D 151 -30.09 17.20 -1.57
C CYS D 151 -31.42 17.71 -1.00
N VAL D 152 -31.35 18.80 -0.25
CA VAL D 152 -32.55 19.36 0.36
C VAL D 152 -33.54 19.79 -0.71
N ALA D 153 -33.03 20.39 -1.77
CA ALA D 153 -33.86 20.78 -2.92
C ALA D 153 -34.58 19.60 -3.55
N HIS D 154 -34.00 18.42 -3.49
CA HIS D 154 -34.69 17.21 -3.95
C HIS D 154 -35.41 16.49 -2.80
N GLY D 155 -35.66 17.15 -1.69
CA GLY D 155 -36.39 16.56 -0.59
C GLY D 155 -35.68 15.49 0.22
N ILE D 156 -34.35 15.50 0.22
CA ILE D 156 -33.61 14.66 1.15
C ILE D 156 -33.08 15.59 2.21
N THR D 157 -33.53 15.39 3.44
CA THR D 157 -33.15 16.25 4.54
C THR D 157 -31.80 15.88 5.04
N ARG D 158 -31.24 16.73 5.89
CA ARG D 158 -29.84 16.60 6.29
C ARG D 158 -29.50 15.37 7.15
N ASP D 159 -30.46 14.83 7.85
CA ASP D 159 -30.22 13.65 8.68
C ASP D 159 -30.02 12.44 7.79
N ASN D 160 -30.43 12.53 6.52
CA ASN D 160 -30.22 11.49 5.53
C ASN D 160 -29.07 11.77 4.58
N ILE D 161 -28.24 12.74 4.92
CA ILE D 161 -26.99 12.95 4.22
C ILE D 161 -25.86 12.33 5.06
N ILE D 162 -25.00 11.56 4.44
CA ILE D 162 -23.91 10.92 5.18
C ILE D 162 -22.54 11.23 4.54
N ASP D 163 -21.67 11.84 5.34
CA ASP D 163 -20.31 12.10 4.94
C ASP D 163 -19.53 10.81 5.14
N LEU D 164 -19.04 10.24 4.05
CA LEU D 164 -18.31 9.01 4.11
C LEU D 164 -16.83 9.20 4.44
N THR D 165 -16.34 10.42 4.46
CA THR D 165 -14.88 10.65 4.54
C THR D 165 -14.20 10.17 5.77
N LYS D 166 -14.89 10.00 6.88
CA LYS D 166 -14.17 9.58 8.07
C LYS D 166 -14.56 8.17 8.47
N THR D 167 -15.11 7.45 7.49
CA THR D 167 -15.60 6.11 7.69
C THR D 167 -14.81 5.26 6.73
N ASP D 168 -14.80 3.97 6.99
CA ASP D 168 -14.16 3.06 6.10
C ASP D 168 -14.86 3.10 4.76
N ARG D 169 -14.11 3.44 3.72
CA ARG D 169 -14.56 3.39 2.33
C ARG D 169 -13.82 2.35 1.49
N CYS D 170 -13.17 1.39 2.14
CA CYS D 170 -12.36 0.38 1.46
C CYS D 170 -11.24 0.93 0.59
N LEU D 171 -10.57 1.99 1.04
CA LEU D 171 -9.44 2.55 0.29
C LEU D 171 -8.21 1.66 0.32
N GLN D 172 -7.09 2.21 -0.21
CA GLN D 172 -5.76 1.63 -0.03
C GLN D 172 -4.66 2.56 0.48
#